data_4RUO
#
_entry.id   4RUO
#
_cell.length_a   66.085
_cell.length_b   66.085
_cell.length_c   265.233
_cell.angle_alpha   90.00
_cell.angle_beta   90.00
_cell.angle_gamma   120.00
#
_symmetry.space_group_name_H-M   'P 65 2 2'
#
loop_
_entity.id
_entity.type
_entity.pdbx_description
1 polymer 'Vitamin D3 receptor A'
2 polymer 'Nuclear receptor coactivator 2'
3 non-polymer '21-NOR-9,10-SECOCHOLESTA-5,7,10(19)-TRIENE-1,3,25-TRIOL, 20-(4-HYDROXY-4-METHYLPENTYL)-, (1A,3B,5Z,7E)'
4 water water
#
loop_
_entity_poly.entity_id
_entity_poly.type
_entity_poly.pdbx_seq_one_letter_code
_entity_poly.pdbx_strand_id
1 'polypeptide(L)'
;GSHMLSDEQMQIINSLVEAHHKTYDDSYSDFVRFRPPVREGPVTRSASRAASLHSLSDASSDSFNHSPESVDTKLNFSNL
LMMYQDSGSPDSSEEDQQSRLSMLPHLADLVSYSIQKVIGFAKMIPGFRDLTAEDQIALLKSSAIEIIMLRSNQSFSLED
MSWSCGGPDFKYCINDVTKAGHTLEHLEPLVKFQVGLKKLKLHEEEHVLLMAICLLSPDRPGVQDHVRIEALQDRLCDVL
QAYIRIQHPGGRLLYAKMIQKLADLRSLNEEHSKQYRSLSFQPEHSMQLTPLVLEVFGSEVS
;
X
2 'polypeptide(L)' KHKILHRLLQDSS B
#
loop_
_chem_comp.id
_chem_comp.type
_chem_comp.name
_chem_comp.formula
BIV non-polymer '21-NOR-9,10-SECOCHOLESTA-5,7,10(19)-TRIENE-1,3,25-TRIOL, 20-(4-HYDROXY-4-METHYLPENTYL)-, (1A,3B,5Z,7E)' 'C32 H54 O4'
#
# COMPACT_ATOMS: atom_id res chain seq x y z
N HIS A 3 21.84 -12.96 17.49
CA HIS A 3 23.05 -12.64 16.74
C HIS A 3 23.02 -13.31 15.37
N MET A 4 21.99 -14.12 15.14
CA MET A 4 21.75 -14.80 13.87
C MET A 4 20.24 -15.03 13.72
N LEU A 5 19.77 -15.14 12.49
CA LEU A 5 18.32 -15.27 12.24
C LEU A 5 17.74 -16.64 12.60
N SER A 6 16.59 -16.61 13.28
CA SER A 6 15.88 -17.80 13.72
C SER A 6 15.40 -18.63 12.53
N ASP A 7 14.86 -19.81 12.82
CA ASP A 7 14.29 -20.67 11.81
C ASP A 7 12.84 -20.24 11.50
N GLU A 8 12.09 -19.94 12.55
CA GLU A 8 10.72 -19.46 12.38
C GLU A 8 10.76 -18.07 11.77
N GLN A 9 11.95 -17.49 11.71
CA GLN A 9 12.12 -16.15 11.17
C GLN A 9 12.48 -16.15 9.68
N MET A 10 13.24 -17.16 9.25
CA MET A 10 13.48 -17.35 7.81
C MET A 10 12.19 -17.78 7.15
N GLN A 11 11.48 -18.71 7.79
CA GLN A 11 10.21 -19.19 7.28
C GLN A 11 9.27 -18.04 6.99
N ILE A 12 9.23 -17.06 7.89
CA ILE A 12 8.36 -15.90 7.72
C ILE A 12 8.81 -15.02 6.56
N ILE A 13 10.10 -14.75 6.50
CA ILE A 13 10.67 -13.94 5.43
C ILE A 13 10.43 -14.56 4.05
N ASN A 14 10.61 -15.88 3.97
CA ASN A 14 10.38 -16.60 2.73
C ASN A 14 8.94 -16.46 2.25
N SER A 15 8.00 -16.61 3.17
CA SER A 15 6.58 -16.50 2.85
C SER A 15 6.22 -15.12 2.31
N LEU A 16 6.75 -14.09 2.95
CA LEU A 16 6.42 -12.70 2.61
C LEU A 16 7.00 -12.26 1.27
N VAL A 17 8.20 -12.75 0.94
CA VAL A 17 8.82 -12.40 -0.33
C VAL A 17 8.14 -13.10 -1.50
N GLU A 18 7.76 -14.36 -1.29
CA GLU A 18 7.03 -15.11 -2.30
C GLU A 18 5.67 -14.45 -2.51
N ALA A 19 5.07 -14.02 -1.40
CA ALA A 19 3.78 -13.35 -1.43
C ALA A 19 3.83 -12.11 -2.32
N HIS A 20 4.86 -11.29 -2.15
CA HIS A 20 4.97 -10.06 -2.91
C HIS A 20 5.33 -10.38 -4.35
N HIS A 21 6.07 -11.47 -4.55
CA HIS A 21 6.47 -11.88 -5.89
C HIS A 21 5.29 -12.27 -6.75
N LYS A 22 4.25 -12.82 -6.12
CA LYS A 22 3.11 -13.33 -6.85
C LYS A 22 2.00 -12.28 -7.00
N THR A 23 2.19 -11.12 -6.36
CA THR A 23 1.18 -10.06 -6.39
C THR A 23 1.69 -8.72 -6.94
N TYR A 24 2.94 -8.68 -7.38
CA TYR A 24 3.50 -7.49 -8.00
C TYR A 24 4.19 -7.82 -9.32
N ASP A 25 3.86 -7.09 -10.38
CA ASP A 25 4.44 -7.37 -11.69
C ASP A 25 5.35 -6.24 -12.13
N ASP A 26 6.61 -6.58 -12.41
CA ASP A 26 7.60 -5.58 -12.77
C ASP A 26 7.47 -5.14 -14.23
N SER A 27 6.60 -5.81 -14.97
CA SER A 27 6.33 -5.44 -16.36
C SER A 27 5.07 -4.59 -16.48
N TYR A 28 4.16 -4.72 -15.51
CA TYR A 28 2.95 -3.91 -15.48
C TYR A 28 2.07 -4.23 -16.70
N SER A 29 1.98 -5.51 -17.01
CA SER A 29 1.37 -5.96 -18.25
C SER A 29 -0.14 -6.13 -18.13
N ASP A 30 -0.74 -5.49 -17.14
CA ASP A 30 -2.19 -5.52 -17.01
C ASP A 30 -2.75 -4.11 -17.14
N PHE A 31 -1.87 -3.14 -17.24
CA PHE A 31 -2.26 -1.73 -17.35
C PHE A 31 -2.95 -1.43 -18.68
N VAL A 32 -2.78 -2.34 -19.65
CA VAL A 32 -3.45 -2.19 -20.93
C VAL A 32 -4.94 -2.51 -20.79
N ARG A 33 -5.28 -3.31 -19.80
CA ARG A 33 -6.67 -3.71 -19.58
C ARG A 33 -7.46 -2.64 -18.83
N PHE A 34 -6.78 -1.57 -18.42
CA PHE A 34 -7.45 -0.47 -17.73
C PHE A 34 -8.05 0.48 -18.76
N ARG A 35 -9.03 1.27 -18.35
CA ARG A 35 -9.49 2.38 -19.19
C ARG A 35 -8.29 3.23 -19.50
N PRO A 36 -8.12 3.60 -20.77
CA PRO A 36 -6.93 4.36 -21.18
C PRO A 36 -6.77 5.65 -20.37
N PRO A 37 -5.51 6.06 -20.16
CA PRO A 37 -5.20 7.36 -19.56
C PRO A 37 -5.45 8.47 -20.57
N VAL A 38 -5.84 9.65 -20.10
CA VAL A 38 -6.07 10.77 -21.01
C VAL A 38 -5.48 12.07 -20.50
N ARG A 39 -4.55 12.64 -21.26
CA ARG A 39 -4.01 13.97 -20.96
C ARG A 39 -4.47 14.96 -22.03
N ARG A 100 -11.38 18.42 -17.59
CA ARG A 100 -11.99 17.76 -16.45
C ARG A 100 -11.00 16.84 -15.74
N LEU A 101 -11.42 15.62 -15.44
CA LEU A 101 -10.61 14.67 -14.71
C LEU A 101 -10.28 13.44 -15.56
N SER A 102 -9.53 13.67 -16.63
CA SER A 102 -9.28 12.66 -17.65
C SER A 102 -8.47 11.45 -17.19
N MET A 103 -7.74 11.60 -16.10
CA MET A 103 -6.90 10.52 -15.59
C MET A 103 -7.67 9.67 -14.58
N LEU A 104 -8.77 10.22 -14.08
CA LEU A 104 -9.57 9.53 -13.07
C LEU A 104 -9.98 8.11 -13.45
N PRO A 105 -10.53 7.93 -14.66
CA PRO A 105 -10.88 6.56 -15.06
C PRO A 105 -9.68 5.61 -15.00
N HIS A 106 -8.56 6.01 -15.61
CA HIS A 106 -7.38 5.17 -15.60
C HIS A 106 -6.85 4.92 -14.19
N LEU A 107 -6.69 5.99 -13.42
CA LEU A 107 -6.12 5.89 -12.09
C LEU A 107 -7.00 5.09 -11.14
N ALA A 108 -8.31 5.20 -11.31
CA ALA A 108 -9.24 4.43 -10.50
C ALA A 108 -9.10 2.96 -10.84
N ASP A 109 -8.92 2.66 -12.12
CA ASP A 109 -8.69 1.28 -12.55
C ASP A 109 -7.36 0.75 -12.00
N LEU A 110 -6.33 1.59 -11.98
CA LEU A 110 -5.03 1.23 -11.42
C LEU A 110 -5.14 0.96 -9.93
N VAL A 111 -5.80 1.85 -9.21
CA VAL A 111 -5.96 1.69 -7.77
C VAL A 111 -6.80 0.47 -7.41
N SER A 112 -7.84 0.21 -8.21
CA SER A 112 -8.71 -0.93 -7.96
C SER A 112 -7.91 -2.20 -8.13
N TYR A 113 -7.14 -2.24 -9.21
CA TYR A 113 -6.27 -3.36 -9.51
C TYR A 113 -5.34 -3.64 -8.33
N SER A 114 -4.68 -2.59 -7.87
CA SER A 114 -3.72 -2.68 -6.77
C SER A 114 -4.32 -3.23 -5.48
N ILE A 115 -5.55 -2.82 -5.19
CA ILE A 115 -6.25 -3.30 -4.01
C ILE A 115 -6.35 -4.82 -4.01
N GLN A 116 -6.67 -5.37 -5.18
CA GLN A 116 -6.88 -6.80 -5.33
C GLN A 116 -5.59 -7.53 -5.07
N LYS A 117 -4.49 -6.87 -5.41
CA LYS A 117 -3.16 -7.40 -5.19
C LYS A 117 -2.79 -7.34 -3.71
N VAL A 118 -3.05 -6.19 -3.10
CA VAL A 118 -2.84 -6.01 -1.67
C VAL A 118 -3.62 -7.07 -0.89
N ILE A 119 -4.82 -7.39 -1.35
CA ILE A 119 -5.62 -8.42 -0.72
C ILE A 119 -4.96 -9.78 -0.90
N GLY A 120 -4.39 -10.02 -2.07
CA GLY A 120 -3.63 -11.23 -2.32
C GLY A 120 -2.44 -11.35 -1.38
N PHE A 121 -1.72 -10.25 -1.23
CA PHE A 121 -0.57 -10.20 -0.34
C PHE A 121 -0.99 -10.41 1.10
N ALA A 122 -1.96 -9.62 1.53
CA ALA A 122 -2.46 -9.69 2.90
C ALA A 122 -2.84 -11.11 3.30
N LYS A 123 -3.52 -11.81 2.41
CA LYS A 123 -3.96 -13.16 2.70
C LYS A 123 -2.79 -14.10 2.98
N MET A 124 -1.61 -13.72 2.49
CA MET A 124 -0.42 -14.57 2.65
C MET A 124 0.49 -14.15 3.80
N ILE A 125 0.27 -12.96 4.35
CA ILE A 125 0.90 -12.59 5.61
C ILE A 125 0.52 -13.64 6.65
N PRO A 126 1.52 -14.16 7.39
CA PRO A 126 1.39 -15.21 8.40
C PRO A 126 0.42 -14.90 9.55
N GLY A 127 -0.60 -15.75 9.71
CA GLY A 127 -1.55 -15.60 10.80
C GLY A 127 -2.63 -14.57 10.53
N PHE A 128 -2.65 -14.04 9.31
CA PHE A 128 -3.65 -13.07 8.91
C PHE A 128 -4.96 -13.77 8.60
N ARG A 129 -4.86 -14.93 7.96
CA ARG A 129 -6.03 -15.75 7.68
C ARG A 129 -6.71 -16.22 8.96
N ASP A 130 -6.01 -16.06 10.08
CA ASP A 130 -6.51 -16.56 11.37
C ASP A 130 -7.32 -15.51 12.12
N LEU A 131 -7.28 -14.28 11.64
CA LEU A 131 -8.10 -13.23 12.20
C LEU A 131 -9.56 -13.43 11.78
N THR A 132 -10.46 -12.66 12.40
CA THR A 132 -11.87 -12.70 12.02
C THR A 132 -12.06 -11.94 10.72
N ALA A 133 -12.97 -12.41 9.87
CA ALA A 133 -13.26 -11.75 8.60
C ALA A 133 -13.44 -10.26 8.82
N GLU A 134 -14.04 -9.91 9.96
CA GLU A 134 -14.34 -8.53 10.28
C GLU A 134 -13.07 -7.69 10.37
N ASP A 135 -12.14 -8.11 11.21
CA ASP A 135 -10.88 -7.38 11.38
C ASP A 135 -10.06 -7.34 10.09
N GLN A 136 -10.01 -8.45 9.37
CA GLN A 136 -9.35 -8.48 8.08
C GLN A 136 -9.85 -7.32 7.23
N ILE A 137 -11.16 -7.14 7.20
CA ILE A 137 -11.74 -6.02 6.46
C ILE A 137 -11.34 -4.67 7.06
N ALA A 138 -11.44 -4.56 8.38
CA ALA A 138 -11.08 -3.34 9.10
C ALA A 138 -9.65 -2.89 8.80
N LEU A 139 -8.77 -3.87 8.64
CA LEU A 139 -7.36 -3.60 8.38
C LEU A 139 -7.12 -3.20 6.93
N LEU A 140 -7.66 -3.99 6.01
CA LEU A 140 -7.58 -3.66 4.59
C LEU A 140 -8.10 -2.26 4.35
N LYS A 141 -9.28 -1.96 4.89
CA LYS A 141 -9.91 -0.68 4.64
C LYS A 141 -9.05 0.50 5.09
N SER A 142 -8.44 0.37 6.27
CA SER A 142 -7.63 1.43 6.83
C SER A 142 -6.24 1.52 6.20
N SER A 143 -5.60 0.36 6.00
CA SER A 143 -4.23 0.34 5.48
C SER A 143 -4.15 0.44 3.96
N ALA A 144 -5.10 -0.19 3.27
CA ALA A 144 -5.07 -0.33 1.80
C ALA A 144 -4.30 0.78 1.10
N ILE A 145 -4.80 2.00 1.23
CA ILE A 145 -4.19 3.15 0.58
C ILE A 145 -2.68 3.31 0.87
N GLU A 146 -2.29 3.15 2.14
CA GLU A 146 -0.88 3.25 2.55
C GLU A 146 -0.03 2.13 1.96
N ILE A 147 -0.55 0.91 1.99
CA ILE A 147 0.11 -0.23 1.40
C ILE A 147 0.42 0.03 -0.07
N ILE A 148 -0.42 0.83 -0.71
CA ILE A 148 -0.26 1.17 -2.12
C ILE A 148 0.86 2.20 -2.33
N MET A 149 0.84 3.25 -1.53
CA MET A 149 1.91 4.24 -1.56
C MET A 149 3.25 3.56 -1.30
N LEU A 150 3.21 2.58 -0.39
CA LEU A 150 4.38 1.75 -0.11
C LEU A 150 4.88 1.00 -1.33
N ARG A 151 4.02 0.18 -1.91
CA ARG A 151 4.41 -0.69 -3.02
C ARG A 151 4.68 0.10 -4.30
N SER A 152 4.09 1.28 -4.42
CA SER A 152 4.28 2.11 -5.60
C SER A 152 5.73 2.56 -5.72
N ASN A 153 6.41 2.71 -4.58
CA ASN A 153 7.80 3.14 -4.54
C ASN A 153 8.66 2.29 -5.47
N GLN A 154 8.31 1.01 -5.57
CA GLN A 154 9.02 0.07 -6.42
C GLN A 154 9.04 0.49 -7.90
N SER A 155 8.10 1.35 -8.30
CA SER A 155 8.06 1.83 -9.68
C SER A 155 8.38 3.32 -9.75
N PHE A 156 8.51 3.96 -8.61
CA PHE A 156 8.89 5.36 -8.57
C PHE A 156 10.35 5.53 -9.01
N SER A 157 10.64 6.65 -9.66
CA SER A 157 11.96 6.87 -10.22
C SER A 157 12.52 8.23 -9.84
N LEU A 158 13.57 8.24 -9.02
CA LEU A 158 14.21 9.49 -8.61
C LEU A 158 14.85 10.19 -9.81
N GLU A 159 15.30 9.41 -10.78
CA GLU A 159 15.87 9.98 -12.00
C GLU A 159 14.94 11.01 -12.63
N ASP A 160 13.63 10.75 -12.55
CA ASP A 160 12.64 11.64 -13.17
C ASP A 160 11.48 12.01 -12.25
N MET A 161 11.53 11.54 -11.01
CA MET A 161 10.49 11.82 -10.02
C MET A 161 9.08 11.55 -10.56
N SER A 162 8.81 10.28 -10.82
CA SER A 162 7.51 9.86 -11.32
C SER A 162 7.47 8.34 -11.35
N TRP A 163 6.28 7.77 -11.23
CA TRP A 163 6.11 6.33 -11.33
C TRP A 163 6.15 5.91 -12.79
N SER A 164 7.14 5.10 -13.16
CA SER A 164 7.26 4.63 -14.53
C SER A 164 6.86 3.16 -14.67
N CYS A 165 5.64 2.94 -15.13
CA CYS A 165 5.14 1.58 -15.33
C CYS A 165 5.04 1.32 -16.81
N GLY A 166 5.75 2.13 -17.58
CA GLY A 166 5.66 2.16 -19.02
C GLY A 166 5.80 3.62 -19.41
N GLY A 167 5.45 3.95 -20.65
CA GLY A 167 5.56 5.32 -21.09
C GLY A 167 5.66 5.45 -22.59
N PRO A 168 5.27 6.63 -23.11
CA PRO A 168 4.81 7.76 -22.29
C PRO A 168 3.44 7.52 -21.65
N ASP A 169 2.80 6.41 -21.98
CA ASP A 169 1.44 6.12 -21.51
C ASP A 169 1.35 5.93 -20.02
N PHE A 170 2.20 5.07 -19.48
CA PHE A 170 2.09 4.65 -18.10
C PHE A 170 3.12 5.29 -17.17
N LYS A 171 3.69 6.41 -17.59
CA LYS A 171 4.59 7.19 -16.75
C LYS A 171 3.79 8.27 -16.04
N TYR A 172 3.44 8.02 -14.79
CA TYR A 172 2.58 8.93 -14.04
C TYR A 172 3.40 9.96 -13.30
N CYS A 173 3.10 11.23 -13.52
CA CYS A 173 3.77 12.30 -12.79
C CYS A 173 2.76 13.02 -11.89
N ILE A 174 3.26 13.94 -11.07
CA ILE A 174 2.40 14.65 -10.13
C ILE A 174 1.24 15.30 -10.88
N ASN A 175 1.50 15.76 -12.09
CA ASN A 175 0.51 16.42 -12.91
C ASN A 175 -0.69 15.52 -13.20
N ASP A 176 -0.41 14.27 -13.58
CA ASP A 176 -1.47 13.32 -13.87
C ASP A 176 -2.43 13.16 -12.71
N VAL A 177 -1.89 12.93 -11.52
CA VAL A 177 -2.74 12.74 -10.34
C VAL A 177 -3.57 13.99 -10.09
N THR A 178 -3.18 15.08 -10.72
CA THR A 178 -3.96 16.31 -10.68
C THR A 178 -5.21 16.17 -11.54
N LYS A 179 -5.03 15.62 -12.74
CA LYS A 179 -6.14 15.34 -13.64
C LYS A 179 -6.95 14.15 -13.15
N ALA A 180 -6.89 13.92 -11.84
CA ALA A 180 -7.66 12.84 -11.20
C ALA A 180 -8.29 13.32 -9.90
N GLY A 181 -8.18 14.62 -9.63
CA GLY A 181 -8.90 15.22 -8.52
C GLY A 181 -8.13 15.49 -7.23
N HIS A 182 -6.83 15.71 -7.34
CA HIS A 182 -6.02 16.02 -6.16
C HIS A 182 -5.19 17.28 -6.36
N THR A 183 -5.01 18.04 -5.29
CA THR A 183 -4.25 19.29 -5.35
C THR A 183 -2.75 19.11 -5.08
N LEU A 184 -1.94 19.89 -5.79
CA LEU A 184 -0.50 19.87 -5.60
C LEU A 184 -0.13 20.14 -4.15
N GLU A 185 -0.90 21.01 -3.50
CA GLU A 185 -0.62 21.38 -2.12
C GLU A 185 -0.74 20.16 -1.20
N HIS A 186 -1.13 19.03 -1.78
CA HIS A 186 -1.25 17.79 -1.02
C HIS A 186 -0.48 16.64 -1.67
N LEU A 187 -0.18 16.77 -2.95
CA LEU A 187 0.63 15.77 -3.67
C LEU A 187 2.11 15.89 -3.30
N GLU A 188 2.56 17.10 -3.00
CA GLU A 188 3.95 17.35 -2.66
C GLU A 188 4.52 16.38 -1.63
N PRO A 189 3.83 16.19 -0.49
CA PRO A 189 4.34 15.31 0.57
C PRO A 189 4.45 13.83 0.15
N LEU A 190 3.58 13.39 -0.75
CA LEU A 190 3.62 12.02 -1.23
C LEU A 190 4.87 11.78 -2.06
N VAL A 191 5.22 12.74 -2.90
CA VAL A 191 6.45 12.67 -3.67
C VAL A 191 7.67 12.68 -2.74
N LYS A 192 7.64 13.58 -1.76
CA LYS A 192 8.70 13.64 -0.76
C LYS A 192 8.87 12.29 -0.09
N PHE A 193 7.75 11.69 0.32
CA PHE A 193 7.76 10.38 0.95
C PHE A 193 8.37 9.31 0.05
N GLN A 194 8.12 9.42 -1.25
CA GLN A 194 8.64 8.46 -2.21
C GLN A 194 10.15 8.54 -2.32
N VAL A 195 10.66 9.77 -2.36
CA VAL A 195 12.09 10.00 -2.53
C VAL A 195 12.87 9.52 -1.31
N GLY A 196 12.39 9.88 -0.11
CA GLY A 196 13.01 9.43 1.11
C GLY A 196 13.03 7.92 1.20
N LEU A 197 11.91 7.31 0.86
CA LEU A 197 11.78 5.86 0.88
C LEU A 197 12.71 5.20 -0.13
N LYS A 198 12.81 5.81 -1.30
CA LYS A 198 13.69 5.32 -2.36
C LYS A 198 15.15 5.42 -1.95
N LYS A 199 15.47 6.44 -1.18
CA LYS A 199 16.86 6.68 -0.76
C LYS A 199 17.31 5.70 0.32
N LEU A 200 16.35 5.02 0.94
CA LEU A 200 16.67 4.03 1.96
C LEU A 200 17.16 2.73 1.34
N LYS A 201 17.21 2.70 0.01
CA LYS A 201 17.62 1.52 -0.75
C LYS A 201 17.33 0.19 -0.03
N LEU A 202 16.05 -0.11 0.17
CA LEU A 202 15.63 -1.29 0.91
C LEU A 202 15.86 -2.62 0.18
N HIS A 203 16.46 -3.58 0.87
CA HIS A 203 16.42 -4.96 0.41
C HIS A 203 14.94 -5.28 0.31
N GLU A 204 14.56 -6.16 -0.61
CA GLU A 204 13.15 -6.47 -0.78
C GLU A 204 12.56 -7.10 0.48
N GLU A 205 13.41 -7.78 1.24
CA GLU A 205 13.01 -8.36 2.53
C GLU A 205 12.44 -7.28 3.45
N GLU A 206 13.09 -6.13 3.47
CA GLU A 206 12.66 -5.01 4.30
C GLU A 206 11.42 -4.34 3.71
N HIS A 207 11.42 -4.17 2.40
CA HIS A 207 10.28 -3.62 1.67
C HIS A 207 9.01 -4.41 1.98
N VAL A 208 9.15 -5.73 2.00
CA VAL A 208 8.02 -6.60 2.25
C VAL A 208 7.56 -6.58 3.70
N LEU A 209 8.52 -6.66 4.63
CA LEU A 209 8.21 -6.61 6.05
C LEU A 209 7.54 -5.30 6.42
N LEU A 210 7.99 -4.23 5.77
CA LEU A 210 7.44 -2.91 6.01
C LEU A 210 5.95 -2.85 5.65
N MET A 211 5.59 -3.42 4.51
CA MET A 211 4.19 -3.46 4.11
C MET A 211 3.37 -4.36 5.04
N ALA A 212 3.95 -5.48 5.45
CA ALA A 212 3.26 -6.43 6.32
C ALA A 212 3.10 -5.86 7.73
N ILE A 213 3.97 -4.95 8.11
CA ILE A 213 3.89 -4.32 9.41
C ILE A 213 2.91 -3.17 9.34
N CYS A 214 3.05 -2.36 8.29
CA CYS A 214 2.14 -1.25 8.06
C CYS A 214 0.70 -1.73 8.08
N LEU A 215 0.47 -2.87 7.45
CA LEU A 215 -0.87 -3.43 7.34
C LEU A 215 -1.41 -3.86 8.69
N LEU A 216 -0.55 -4.47 9.50
CA LEU A 216 -0.96 -4.94 10.82
C LEU A 216 -0.97 -3.85 11.87
N SER A 217 -0.72 -2.60 11.46
CA SER A 217 -0.76 -1.47 12.40
C SER A 217 -2.02 -1.52 13.27
N PRO A 218 -1.82 -1.61 14.59
CA PRO A 218 -2.85 -1.89 15.61
C PRO A 218 -3.96 -0.84 15.74
N ASP A 219 -3.65 0.43 15.53
CA ASP A 219 -4.65 1.49 15.71
C ASP A 219 -5.32 1.91 14.41
N ARG A 220 -6.07 1.00 13.82
CA ARG A 220 -6.91 1.32 12.67
C ARG A 220 -8.33 1.52 13.16
N PRO A 221 -9.01 2.56 12.68
CA PRO A 221 -10.41 2.72 13.04
C PRO A 221 -11.22 1.48 12.65
N GLY A 222 -11.86 0.85 13.62
CA GLY A 222 -12.74 -0.28 13.35
C GLY A 222 -12.21 -1.63 13.80
N VAL A 223 -10.99 -1.66 14.32
CA VAL A 223 -10.38 -2.91 14.76
C VAL A 223 -10.98 -3.39 16.09
N GLN A 224 -11.17 -4.69 16.22
CA GLN A 224 -11.73 -5.28 17.44
C GLN A 224 -10.63 -5.82 18.36
N ASP A 225 -10.01 -6.93 17.94
CA ASP A 225 -8.99 -7.59 18.74
C ASP A 225 -7.61 -6.92 18.56
N HIS A 226 -7.46 -5.73 19.12
CA HIS A 226 -6.22 -4.98 18.95
C HIS A 226 -5.06 -5.56 19.77
N VAL A 227 -5.32 -6.64 20.49
CA VAL A 227 -4.27 -7.28 21.30
C VAL A 227 -3.47 -8.26 20.46
N ARG A 228 -4.16 -9.14 19.73
CA ARG A 228 -3.48 -10.11 18.89
C ARG A 228 -2.85 -9.46 17.67
N ILE A 229 -3.35 -8.29 17.29
CA ILE A 229 -2.86 -7.59 16.12
C ILE A 229 -1.53 -6.90 16.39
N GLU A 230 -1.41 -6.32 17.58
CA GLU A 230 -0.16 -5.73 18.02
C GLU A 230 0.86 -6.83 18.23
N ALA A 231 0.35 -8.05 18.43
CA ALA A 231 1.18 -9.22 18.68
C ALA A 231 1.87 -9.72 17.40
N LEU A 232 1.08 -9.89 16.35
CA LEU A 232 1.61 -10.40 15.10
C LEU A 232 2.46 -9.34 14.41
N GLN A 233 2.23 -8.09 14.79
CA GLN A 233 3.02 -6.98 14.26
C GLN A 233 4.33 -6.82 15.03
N ASP A 234 4.31 -7.13 16.33
CA ASP A 234 5.53 -7.11 17.13
C ASP A 234 6.46 -8.22 16.66
N ARG A 235 5.90 -9.39 16.43
CA ARG A 235 6.68 -10.52 15.93
C ARG A 235 7.36 -10.17 14.61
N LEU A 236 6.65 -9.44 13.75
CA LEU A 236 7.19 -9.00 12.47
C LEU A 236 8.32 -7.99 12.65
N CYS A 237 8.13 -7.04 13.57
CA CYS A 237 9.13 -6.03 13.86
C CYS A 237 10.43 -6.64 14.37
N ASP A 238 10.32 -7.68 15.19
CA ASP A 238 11.49 -8.41 15.63
C ASP A 238 12.26 -8.84 14.40
N VAL A 239 11.58 -9.54 13.50
CA VAL A 239 12.18 -10.03 12.26
C VAL A 239 12.89 -8.91 11.50
N LEU A 240 12.25 -7.77 11.38
CA LEU A 240 12.82 -6.63 10.66
C LEU A 240 14.09 -6.11 11.35
N GLN A 241 14.00 -5.83 12.64
CA GLN A 241 15.15 -5.34 13.39
C GLN A 241 16.30 -6.36 13.34
N ALA A 242 15.94 -7.63 13.46
CA ALA A 242 16.92 -8.70 13.35
C ALA A 242 17.53 -8.73 11.96
N TYR A 243 16.70 -8.61 10.92
CA TYR A 243 17.20 -8.65 9.56
C TYR A 243 18.18 -7.53 9.27
N ILE A 244 17.83 -6.29 9.63
CA ILE A 244 18.70 -5.15 9.33
C ILE A 244 20.03 -5.29 10.04
N ARG A 245 19.98 -5.53 11.34
CA ARG A 245 21.18 -5.68 12.15
C ARG A 245 22.10 -6.76 11.57
N ILE A 246 21.50 -7.88 11.19
CA ILE A 246 22.25 -9.06 10.77
C ILE A 246 22.61 -9.07 9.30
N GLN A 247 21.70 -8.62 8.44
CA GLN A 247 21.89 -8.77 7.00
C GLN A 247 22.19 -7.45 6.28
N HIS A 248 22.02 -6.33 6.98
CA HIS A 248 22.18 -5.03 6.35
C HIS A 248 23.40 -4.28 6.90
N PRO A 249 24.44 -4.17 6.07
CA PRO A 249 25.66 -3.42 6.41
C PRO A 249 25.39 -1.93 6.52
N GLY A 250 25.47 -1.40 7.74
CA GLY A 250 25.18 0.01 7.97
C GLY A 250 23.70 0.25 8.17
N GLY A 251 23.06 -0.61 8.95
CA GLY A 251 21.64 -0.48 9.23
C GLY A 251 21.36 0.08 10.60
N ARG A 252 22.37 0.71 11.19
CA ARG A 252 22.25 1.28 12.52
C ARG A 252 20.98 2.11 12.66
N LEU A 253 20.80 3.07 11.75
CA LEU A 253 19.69 4.03 11.87
C LEU A 253 18.45 3.61 11.08
N LEU A 254 18.56 2.53 10.31
CA LEU A 254 17.52 2.15 9.36
C LEU A 254 16.14 1.87 9.97
N TYR A 255 16.07 0.85 10.82
CA TYR A 255 14.82 0.47 11.47
C TYR A 255 14.04 1.70 11.92
N ALA A 256 14.73 2.62 12.59
CA ALA A 256 14.12 3.84 13.07
C ALA A 256 13.55 4.67 11.91
N LYS A 257 14.35 4.84 10.86
CA LYS A 257 13.92 5.60 9.69
C LYS A 257 12.69 4.94 9.07
N MET A 258 12.67 3.62 9.08
CA MET A 258 11.56 2.86 8.50
C MET A 258 10.29 3.07 9.29
N ILE A 259 10.36 2.89 10.60
CA ILE A 259 9.21 3.13 11.47
C ILE A 259 8.76 4.58 11.34
N GLN A 260 9.72 5.46 11.08
CA GLN A 260 9.41 6.86 10.82
C GLN A 260 8.50 7.00 9.61
N LYS A 261 8.75 6.21 8.58
CA LYS A 261 7.95 6.25 7.35
C LYS A 261 6.48 5.95 7.62
N LEU A 262 6.22 5.00 8.52
CA LEU A 262 4.85 4.60 8.83
C LEU A 262 3.98 5.79 9.22
N ALA A 263 4.53 6.68 10.04
CA ALA A 263 3.79 7.86 10.50
C ALA A 263 3.61 8.89 9.39
N ASP A 264 4.54 8.90 8.44
CA ASP A 264 4.40 9.73 7.24
C ASP A 264 3.17 9.25 6.47
N LEU A 265 2.91 7.95 6.57
CA LEU A 265 1.80 7.32 5.89
C LEU A 265 0.47 7.70 6.51
N ARG A 266 0.39 7.66 7.84
CA ARG A 266 -0.84 8.03 8.53
C ARG A 266 -1.29 9.41 8.09
N SER A 267 -0.34 10.32 7.94
CA SER A 267 -0.62 11.68 7.51
C SER A 267 -1.08 11.72 6.05
N LEU A 268 -0.34 11.03 5.18
CA LEU A 268 -0.71 10.94 3.76
C LEU A 268 -2.06 10.27 3.59
N ASN A 269 -2.31 9.24 4.40
CA ASN A 269 -3.60 8.56 4.40
C ASN A 269 -4.71 9.55 4.69
N GLU A 270 -4.52 10.36 5.73
CA GLU A 270 -5.52 11.33 6.15
C GLU A 270 -5.86 12.30 5.03
N GLU A 271 -4.84 12.96 4.49
CA GLU A 271 -5.04 13.93 3.42
C GLU A 271 -5.80 13.34 2.24
N HIS A 272 -5.66 12.03 2.04
CA HIS A 272 -6.38 11.33 0.99
C HIS A 272 -7.86 11.20 1.33
N SER A 273 -8.15 10.56 2.46
CA SER A 273 -9.53 10.42 2.94
C SER A 273 -10.32 11.70 2.80
N LYS A 274 -9.65 12.84 2.98
CA LYS A 274 -10.30 14.14 2.87
C LYS A 274 -10.68 14.46 1.42
N GLN A 275 -9.69 14.42 0.54
CA GLN A 275 -9.91 14.81 -0.84
C GLN A 275 -10.66 13.75 -1.65
N TYR A 276 -10.67 12.52 -1.14
CA TYR A 276 -11.47 11.47 -1.76
C TYR A 276 -12.92 11.61 -1.34
N ARG A 277 -13.15 11.97 -0.08
CA ARG A 277 -14.50 12.20 0.40
C ARG A 277 -15.17 13.24 -0.50
N SER A 278 -14.48 14.34 -0.73
CA SER A 278 -15.00 15.41 -1.58
C SER A 278 -15.22 14.93 -3.01
N LEU A 279 -14.35 14.03 -3.46
CA LEU A 279 -14.44 13.48 -4.80
C LEU A 279 -15.58 12.48 -4.91
N SER A 280 -15.83 11.74 -3.83
CA SER A 280 -16.82 10.67 -3.85
C SER A 280 -18.23 11.21 -3.63
N PHE A 281 -18.34 12.46 -3.22
CA PHE A 281 -19.65 13.04 -2.92
C PHE A 281 -20.26 13.69 -4.15
N GLN A 282 -19.44 13.85 -5.19
CA GLN A 282 -19.95 14.31 -6.49
C GLN A 282 -20.17 13.10 -7.39
N PRO A 283 -21.46 12.81 -7.70
CA PRO A 283 -21.87 11.61 -8.44
C PRO A 283 -21.24 11.53 -9.84
N GLU A 284 -21.07 12.67 -10.49
CA GLU A 284 -20.43 12.71 -11.79
C GLU A 284 -19.01 12.17 -11.71
N HIS A 285 -18.45 12.19 -10.50
CA HIS A 285 -17.09 11.72 -10.27
C HIS A 285 -17.09 10.31 -9.71
N SER A 286 -17.89 10.07 -8.68
CA SER A 286 -17.96 8.74 -8.09
C SER A 286 -18.28 7.67 -9.14
N MET A 287 -19.04 8.06 -10.17
CA MET A 287 -19.43 7.09 -11.20
C MET A 287 -18.22 6.64 -12.00
N GLN A 288 -17.16 7.45 -11.99
CA GLN A 288 -15.91 7.10 -12.65
C GLN A 288 -15.09 6.08 -11.87
N LEU A 289 -15.46 5.85 -10.62
CA LEU A 289 -14.76 4.88 -9.78
C LEU A 289 -15.19 3.44 -10.07
N THR A 290 -14.70 2.52 -9.26
CA THR A 290 -15.07 1.11 -9.39
C THR A 290 -15.78 0.67 -8.11
N PRO A 291 -16.60 -0.37 -8.22
CA PRO A 291 -17.28 -0.96 -7.05
C PRO A 291 -16.32 -1.26 -5.89
N LEU A 292 -15.14 -1.80 -6.20
CA LEU A 292 -14.15 -2.13 -5.17
C LEU A 292 -13.61 -0.89 -4.46
N VAL A 293 -13.18 0.10 -5.23
CA VAL A 293 -12.72 1.35 -4.65
C VAL A 293 -13.80 1.92 -3.74
N LEU A 294 -14.99 2.10 -4.29
CA LEU A 294 -16.10 2.62 -3.53
C LEU A 294 -16.29 1.84 -2.22
N GLU A 295 -16.14 0.52 -2.31
CA GLU A 295 -16.34 -0.36 -1.16
C GLU A 295 -15.24 -0.18 -0.12
N VAL A 296 -14.00 -0.11 -0.60
CA VAL A 296 -12.83 -0.06 0.27
C VAL A 296 -12.61 1.31 0.93
N PHE A 297 -12.99 2.38 0.23
CA PHE A 297 -12.84 3.72 0.78
C PHE A 297 -14.19 4.26 1.27
N GLY A 298 -15.15 3.36 1.45
CA GLY A 298 -16.50 3.74 1.85
C GLY A 298 -16.66 3.76 3.35
N SER A 299 -17.84 4.17 3.81
CA SER A 299 -18.08 4.32 5.24
C SER A 299 -18.89 3.18 5.85
N GLU A 300 -19.51 2.36 5.01
CA GLU A 300 -20.31 1.23 5.49
C GLU A 300 -19.56 0.48 6.60
N VAL A 301 -20.30 -0.05 7.56
CA VAL A 301 -19.71 -0.79 8.67
C VAL A 301 -20.59 -1.97 9.07
N LYS B 1 -23.11 -5.31 3.63
CA LYS B 1 -21.95 -4.43 3.56
C LYS B 1 -20.67 -5.23 3.32
N HIS B 2 -19.85 -4.72 2.39
CA HIS B 2 -18.54 -5.31 2.08
C HIS B 2 -18.67 -6.65 1.36
N LYS B 3 -19.58 -6.69 0.40
CA LYS B 3 -19.83 -7.88 -0.40
C LYS B 3 -18.57 -8.38 -1.09
N ILE B 4 -17.90 -7.49 -1.80
CA ILE B 4 -16.73 -7.84 -2.61
C ILE B 4 -15.54 -8.29 -1.77
N LEU B 5 -15.23 -7.54 -0.72
CA LEU B 5 -14.11 -7.88 0.17
C LEU B 5 -14.24 -9.28 0.73
N HIS B 6 -15.40 -9.59 1.32
CA HIS B 6 -15.64 -10.92 1.86
C HIS B 6 -15.28 -11.96 0.80
N ARG B 7 -15.76 -11.75 -0.41
CA ARG B 7 -15.56 -12.70 -1.49
C ARG B 7 -14.07 -12.84 -1.81
N LEU B 8 -13.38 -11.71 -1.91
CA LEU B 8 -11.97 -11.69 -2.27
C LEU B 8 -11.08 -12.35 -1.23
N LEU B 9 -11.52 -12.33 0.02
CA LEU B 9 -10.82 -13.05 1.09
C LEU B 9 -11.30 -14.50 1.12
N GLN B 10 -11.22 -15.16 -0.03
CA GLN B 10 -11.78 -16.50 -0.23
C GLN B 10 -12.88 -16.83 0.78
O2 BIV C . 3.90 0.86 -8.75
O3 BIV C . -8.35 9.03 -4.99
C1 BIV C . 1.41 0.26 -7.60
C2 BIV C . 1.84 -0.34 -8.92
C3 BIV C . 2.80 0.60 -9.64
C4 BIV C . 2.09 1.90 -10.02
C5 BIV C . 1.47 2.53 -8.80
C6 BIV C . 1.50 3.87 -8.69
C7 BIV C . 0.98 4.63 -7.56
C8 BIV C . 0.63 5.92 -7.68
C9 BIV C . 0.72 6.65 -8.99
C10 BIV C . 0.86 1.64 -7.81
C11 BIV C . -0.63 7.34 -9.29
C12 BIV C . -1.26 8.08 -8.09
C13 BIV C . -1.30 7.19 -6.85
C14 BIV C . 0.11 6.75 -6.54
C15 BIV C . 0.04 6.10 -5.16
C16 BIV C . -1.09 6.87 -4.47
C17 BIV C . -1.65 7.87 -5.52
C18 BIV C . -2.13 5.94 -7.11
C19 BIV C . -0.20 2.02 -7.12
C20 BIV C . -3.07 8.39 -5.22
C22 BIV C . -4.22 7.73 -5.97
C23 BIV C . -5.59 8.13 -5.42
C24 BIV C . -6.63 8.32 -6.53
C25 BIV C . -8.08 8.13 -6.07
C26 BIV C . -9.02 8.45 -7.21
C27 BIV C . -8.34 6.71 -5.58
O1 BIV C . 0.42 -0.60 -7.04
C21 BIV C . -3.37 8.39 -3.73
C28 BIV C . -2.67 9.53 -2.99
C29 BIV C . -3.50 10.81 -3.00
C30 BIV C . -2.87 11.90 -2.13
O4 BIV C . -3.68 13.07 -2.16
C32 BIV C . -1.48 12.26 -2.65
C33 BIV C . -2.77 11.42 -0.67
#